data_5RZM
#
_entry.id   5RZM
#
_cell.length_a   38.580
_cell.length_b   77.350
_cell.length_c   99.880
_cell.angle_alpha   90.000
_cell.angle_beta   90.000
_cell.angle_gamma   90.000
#
_symmetry.space_group_name_H-M   'P 21 21 21'
#
loop_
_entity.id
_entity.type
_entity.pdbx_description
1 polymer 'Isoform 2 of Band 4.1-like protein 3'
2 non-polymer 4-[(dimethylamino)methyl]benzonitrile
3 non-polymer 'DIMETHYL SULFOXIDE'
4 non-polymer 1,2-ETHANEDIOL
5 water water
#
_entity_poly.entity_id   1
_entity_poly.type   'polypeptide(L)'
_entity_poly.pdbx_seq_one_letter_code
;SMPKSMQCKVILLDGSEYTCDVEKRSRGQVLFDKVCEHLNLLEKDYFGLTYRDAENQKNWLDPAKEIKKQVRSGAWHFSF
NVKFYPPDPAQLSEDITRYYLCLQLRDDIVSGRLPCSFVTLALLGSYTVQSELGDYDPDECGSDYISEFRFAPNHTKELE
DKVIELHKSHRGMTPAEAEMHFLENAKKLSMYGVDLHHAKDSEGVEIMLGVCASGLLIYRDRLRINRFAWPKVLKISYKR
NNFYIKIRPGEFEQFESTIGFKLPNHRAAKRLWKVCVEHHTFFRLL
;
_entity_poly.pdbx_strand_id   A
#
loop_
_chem_comp.id
_chem_comp.type
_chem_comp.name
_chem_comp.formula
DMS non-polymer 'DIMETHYL SULFOXIDE' 'C2 H6 O S'
EDO non-polymer 1,2-ETHANEDIOL 'C2 H6 O2'
WHY non-polymer 4-[(dimethylamino)methyl]benzonitrile 'C10 H12 N2'
#
# COMPACT_ATOMS: atom_id res chain seq x y z
N PRO A 3 35.72 1.84 7.77
CA PRO A 3 34.30 1.52 8.04
C PRO A 3 33.59 1.07 6.75
N LYS A 4 33.27 -0.22 6.62
CA LYS A 4 32.84 -0.81 5.33
C LYS A 4 31.35 -0.55 5.07
N SER A 5 31.04 -0.11 3.84
N SER A 5 31.06 -0.05 3.87
CA SER A 5 29.68 0.34 3.45
CA SER A 5 29.71 0.35 3.41
C SER A 5 29.17 -0.46 2.25
C SER A 5 29.18 -0.67 2.41
N MET A 6 27.85 -0.68 2.22
CA MET A 6 27.17 -1.50 1.18
C MET A 6 26.34 -0.52 0.36
N GLN A 7 26.37 -0.69 -0.95
CA GLN A 7 25.57 0.12 -1.86
C GLN A 7 24.12 -0.33 -1.75
N CYS A 8 23.18 0.60 -1.64
CA CYS A 8 21.72 0.30 -1.61
C CYS A 8 21.07 0.89 -2.84
N LYS A 9 20.18 0.14 -3.48
CA LYS A 9 19.38 0.68 -4.59
C LYS A 9 17.91 0.60 -4.18
N VAL A 10 17.21 1.73 -4.34
CA VAL A 10 15.81 1.91 -3.90
C VAL A 10 15.00 2.39 -5.09
N ILE A 11 14.01 1.60 -5.49
CA ILE A 11 13.05 2.02 -6.53
C ILE A 11 12.06 2.96 -5.86
N LEU A 12 11.96 4.18 -6.37
CA LEU A 12 11.07 5.25 -5.80
C LEU A 12 9.70 5.14 -6.46
N LEU A 13 8.71 5.82 -5.92
CA LEU A 13 7.33 5.66 -6.40
C LEU A 13 7.15 6.28 -7.79
N ASP A 14 8.06 7.17 -8.24
CA ASP A 14 8.00 7.75 -9.61
C ASP A 14 8.71 6.83 -10.61
N GLY A 15 9.18 5.65 -10.17
CA GLY A 15 9.84 4.66 -11.07
C GLY A 15 11.34 4.87 -11.16
N SER A 16 11.87 5.98 -10.63
CA SER A 16 13.33 6.25 -10.65
C SER A 16 14.03 5.47 -9.52
N GLU A 17 15.35 5.44 -9.57
CA GLU A 17 16.19 4.63 -8.65
C GLU A 17 17.10 5.57 -7.86
N TYR A 18 17.06 5.45 -6.53
CA TYR A 18 17.97 6.17 -5.62
C TYR A 18 19.05 5.18 -5.16
N THR A 19 20.31 5.58 -5.30
CA THR A 19 21.50 4.83 -4.87
C THR A 19 22.15 5.57 -3.72
N CYS A 20 22.46 4.86 -2.65
CA CYS A 20 23.29 5.39 -1.52
C CYS A 20 24.09 4.25 -0.90
N ASP A 21 24.94 4.60 0.04
CA ASP A 21 25.79 3.65 0.79
C ASP A 21 25.40 3.77 2.25
N VAL A 22 25.33 2.65 2.96
CA VAL A 22 25.23 2.60 4.44
C VAL A 22 26.29 1.64 4.97
N GLU A 23 26.69 1.79 6.23
CA GLU A 23 27.63 0.86 6.90
C GLU A 23 26.97 -0.53 6.94
N LYS A 24 27.72 -1.60 6.70
CA LYS A 24 27.16 -2.95 6.42
C LYS A 24 26.37 -3.48 7.63
N ARG A 25 26.61 -2.95 8.83
CA ARG A 25 25.90 -3.37 10.07
C ARG A 25 24.69 -2.44 10.33
N SER A 26 24.36 -1.55 9.42
CA SER A 26 23.31 -0.52 9.63
C SER A 26 21.94 -1.19 9.82
N ARG A 27 21.14 -0.60 10.69
CA ARG A 27 19.71 -0.96 10.88
C ARG A 27 18.87 -0.34 9.75
N GLY A 28 17.67 -0.86 9.50
CA GLY A 28 16.85 -0.38 8.38
C GLY A 28 16.57 1.11 8.46
N GLN A 29 16.40 1.66 9.68
CA GLN A 29 16.03 3.08 9.89
C GLN A 29 17.04 3.96 9.19
N VAL A 30 18.32 3.58 9.19
CA VAL A 30 19.42 4.41 8.62
C VAL A 30 19.11 4.65 7.14
N LEU A 31 18.85 3.58 6.37
CA LEU A 31 18.54 3.67 4.93
C LEU A 31 17.22 4.44 4.75
N PHE A 32 16.20 4.10 5.47
CA PHE A 32 14.89 4.78 5.38
C PHE A 32 15.06 6.30 5.55
N ASP A 33 15.81 6.73 6.57
CA ASP A 33 16.03 8.18 6.87
C ASP A 33 16.69 8.84 5.65
N LYS A 34 17.73 8.22 5.07
CA LYS A 34 18.35 8.74 3.82
C LYS A 34 17.32 8.86 2.69
N VAL A 35 16.47 7.85 2.48
CA VAL A 35 15.50 7.90 1.34
C VAL A 35 14.50 9.02 1.59
N CYS A 36 14.03 9.14 2.82
CA CYS A 36 13.04 10.15 3.21
C CYS A 36 13.62 11.56 3.07
N GLU A 37 14.88 11.76 3.44
CA GLU A 37 15.56 13.05 3.21
C GLU A 37 15.62 13.32 1.70
N HIS A 38 16.01 12.36 0.88
CA HIS A 38 16.06 12.50 -0.59
C HIS A 38 14.68 12.96 -1.11
N LEU A 39 13.60 12.44 -0.53
CA LEU A 39 12.21 12.67 -0.99
C LEU A 39 11.64 13.96 -0.38
N ASN A 40 12.36 14.61 0.53
CA ASN A 40 11.86 15.79 1.29
C ASN A 40 10.56 15.41 2.01
N LEU A 41 10.52 14.21 2.59
CA LEU A 41 9.32 13.66 3.25
C LEU A 41 9.51 13.72 4.76
N LEU A 42 8.58 14.40 5.43
CA LEU A 42 8.60 14.60 6.90
C LEU A 42 7.59 13.68 7.57
N GLU A 43 6.41 13.46 6.96
CA GLU A 43 5.42 12.51 7.51
C GLU A 43 5.81 11.08 7.15
N LYS A 44 6.87 10.59 7.78
CA LYS A 44 7.52 9.32 7.40
C LYS A 44 6.75 8.10 7.91
N ASP A 45 5.92 8.26 8.95
CA ASP A 45 5.29 7.15 9.71
C ASP A 45 4.43 6.26 8.79
N TYR A 46 3.87 6.78 7.70
CA TYR A 46 2.98 6.03 6.78
C TYR A 46 3.76 5.14 5.81
N PHE A 47 5.09 5.26 5.77
CA PHE A 47 5.90 4.65 4.68
C PHE A 47 6.90 3.63 5.21
N GLY A 48 7.50 2.88 4.30
CA GLY A 48 8.57 1.95 4.61
C GLY A 48 9.28 1.50 3.36
N LEU A 49 10.22 0.62 3.55
CA LEU A 49 10.98 -0.03 2.46
C LEU A 49 10.57 -1.50 2.43
N THR A 50 10.49 -2.06 1.23
CA THR A 50 10.24 -3.49 1.03
C THR A 50 11.51 -4.03 0.38
N TYR A 51 11.70 -5.32 0.53
CA TYR A 51 12.68 -6.10 -0.23
C TYR A 51 12.04 -7.46 -0.53
N ARG A 52 12.65 -8.19 -1.46
CA ARG A 52 12.22 -9.56 -1.87
C ARG A 52 13.10 -10.58 -1.14
N ASP A 53 12.48 -11.59 -0.53
CA ASP A 53 13.21 -12.64 0.23
C ASP A 53 13.65 -13.71 -0.76
N ALA A 54 14.32 -14.76 -0.25
CA ALA A 54 14.85 -15.88 -1.07
C ALA A 54 13.71 -16.61 -1.77
N GLU A 55 12.47 -16.49 -1.26
CA GLU A 55 11.26 -17.07 -1.89
C GLU A 55 10.59 -16.05 -2.83
N ASN A 56 11.24 -14.91 -3.09
CA ASN A 56 10.75 -13.76 -3.92
C ASN A 56 9.43 -13.19 -3.35
N GLN A 57 9.21 -13.29 -2.04
CA GLN A 57 8.02 -12.66 -1.40
C GLN A 57 8.45 -11.25 -0.97
N LYS A 58 7.57 -10.27 -1.14
CA LYS A 58 7.76 -8.89 -0.59
C LYS A 58 7.75 -8.95 0.94
N ASN A 59 8.74 -8.33 1.57
CA ASN A 59 8.84 -8.18 3.03
C ASN A 59 9.04 -6.71 3.36
N TRP A 60 8.43 -6.22 4.43
CA TRP A 60 8.83 -4.92 5.00
C TRP A 60 10.22 -5.05 5.62
N LEU A 61 11.11 -4.11 5.29
CA LEU A 61 12.39 -3.95 6.00
C LEU A 61 12.06 -3.42 7.39
N ASP A 62 12.43 -4.16 8.42
CA ASP A 62 12.25 -3.73 9.83
C ASP A 62 13.27 -2.67 10.15
N PRO A 63 12.85 -1.42 10.46
CA PRO A 63 13.80 -0.34 10.70
C PRO A 63 14.62 -0.54 11.98
N ALA A 64 14.18 -1.39 12.88
CA ALA A 64 14.89 -1.63 14.16
C ALA A 64 15.94 -2.73 14.01
N LYS A 65 15.95 -3.48 12.91
CA LYS A 65 16.82 -4.67 12.74
C LYS A 65 17.90 -4.38 11.69
N GLU A 66 19.04 -5.06 11.82
CA GLU A 66 20.14 -4.94 10.84
C GLU A 66 19.59 -5.29 9.44
N ILE A 67 19.96 -4.50 8.46
CA ILE A 67 19.58 -4.74 7.04
C ILE A 67 20.13 -6.11 6.63
N LYS A 68 21.40 -6.39 6.96
CA LYS A 68 22.04 -7.65 6.51
C LYS A 68 21.28 -8.89 7.00
N LYS A 69 20.69 -8.82 8.20
CA LYS A 69 19.97 -9.98 8.82
C LYS A 69 18.58 -10.16 8.20
N GLN A 70 18.12 -9.22 7.37
CA GLN A 70 16.81 -9.32 6.67
C GLN A 70 17.06 -9.71 5.22
N VAL A 71 17.94 -9.03 4.52
CA VAL A 71 18.17 -9.33 3.07
C VAL A 71 19.02 -10.61 2.97
N ARG A 72 19.80 -10.92 4.01
CA ARG A 72 20.58 -12.18 4.17
C ARG A 72 21.42 -12.43 2.91
N SER A 73 21.00 -13.35 2.05
CA SER A 73 21.82 -13.80 0.90
C SER A 73 21.54 -12.91 -0.31
N GLY A 74 20.48 -12.10 -0.28
CA GLY A 74 19.99 -11.37 -1.46
C GLY A 74 20.68 -10.03 -1.64
N ALA A 75 20.33 -9.37 -2.74
CA ALA A 75 20.91 -8.06 -3.11
C ALA A 75 20.35 -7.00 -2.16
N TRP A 76 21.06 -5.91 -1.99
CA TRP A 76 20.59 -4.74 -1.17
C TRP A 76 19.76 -3.83 -2.09
N HIS A 77 18.63 -4.37 -2.50
CA HIS A 77 17.68 -3.76 -3.44
C HIS A 77 16.31 -3.65 -2.74
N PHE A 78 15.71 -2.49 -2.84
CA PHE A 78 14.52 -2.17 -2.03
C PHE A 78 13.57 -1.34 -2.87
N SER A 79 12.34 -1.23 -2.39
CA SER A 79 11.30 -0.34 -2.93
C SER A 79 10.81 0.57 -1.80
N PHE A 80 10.52 1.84 -2.12
CA PHE A 80 9.91 2.79 -1.19
C PHE A 80 8.40 2.72 -1.39
N ASN A 81 7.62 2.49 -0.33
CA ASN A 81 6.18 2.18 -0.47
C ASN A 81 5.39 2.77 0.70
N VAL A 82 4.10 2.95 0.47
CA VAL A 82 3.14 3.24 1.56
C VAL A 82 2.95 1.95 2.36
N LYS A 83 3.13 2.02 3.67
CA LYS A 83 2.94 0.89 4.60
C LYS A 83 1.55 1.00 5.24
N PHE A 84 1.23 2.16 5.77
CA PHE A 84 -0.08 2.40 6.42
C PHE A 84 -0.88 3.43 5.64
N TYR A 85 -1.95 3.00 4.97
CA TYR A 85 -2.76 3.90 4.09
C TYR A 85 -3.66 4.73 4.99
N PRO A 86 -3.51 6.07 5.09
CA PRO A 86 -4.35 6.83 6.02
C PRO A 86 -5.80 6.78 5.56
N PRO A 87 -6.77 6.51 6.47
CA PRO A 87 -8.16 6.45 6.07
C PRO A 87 -8.67 7.83 5.62
N ASP A 88 -8.10 8.90 6.13
CA ASP A 88 -8.51 10.27 5.74
C ASP A 88 -7.29 11.08 5.37
N PRO A 89 -6.85 10.98 4.08
CA PRO A 89 -5.67 11.71 3.63
C PRO A 89 -5.73 13.24 3.78
N ALA A 90 -6.94 13.81 3.89
CA ALA A 90 -7.09 15.29 4.08
C ALA A 90 -6.47 15.68 5.43
N GLN A 91 -6.32 14.75 6.36
CA GLN A 91 -5.80 15.10 7.72
C GLN A 91 -4.28 15.05 7.73
N LEU A 92 -3.63 14.58 6.65
CA LEU A 92 -2.15 14.67 6.56
C LEU A 92 -1.73 16.14 6.54
N SER A 93 -0.57 16.46 7.14
CA SER A 93 -0.15 17.86 7.34
C SER A 93 0.47 18.43 6.06
N GLU A 94 1.09 17.61 5.18
CA GLU A 94 1.83 18.15 4.01
C GLU A 94 1.29 17.60 2.70
N ASP A 95 1.20 18.49 1.72
CA ASP A 95 0.85 18.16 0.34
C ASP A 95 1.83 17.10 -0.18
N ILE A 96 3.10 17.14 0.20
CA ILE A 96 4.08 16.21 -0.44
C ILE A 96 3.79 14.79 0.03
N THR A 97 3.24 14.63 1.23
CA THR A 97 2.86 13.30 1.77
C THR A 97 1.74 12.80 0.86
N ARG A 98 0.76 13.66 0.58
CA ARG A 98 -0.41 13.24 -0.23
C ARG A 98 0.07 12.87 -1.65
N TYR A 99 1.08 13.56 -2.13
CA TYR A 99 1.70 13.29 -3.47
C TYR A 99 2.24 11.86 -3.53
N TYR A 100 3.09 11.48 -2.60
CA TYR A 100 3.66 10.10 -2.54
C TYR A 100 2.54 9.09 -2.39
N LEU A 101 1.52 9.40 -1.57
CA LEU A 101 0.36 8.50 -1.43
C LEU A 101 -0.35 8.33 -2.79
N CYS A 102 -0.53 9.41 -3.55
CA CYS A 102 -1.11 9.35 -4.92
C CYS A 102 -0.24 8.46 -5.82
N LEU A 103 1.07 8.65 -5.75
CA LEU A 103 1.97 7.85 -6.60
C LEU A 103 1.79 6.36 -6.26
N GLN A 104 1.71 6.01 -4.97
CA GLN A 104 1.54 4.60 -4.56
C GLN A 104 0.22 4.05 -5.12
N LEU A 105 -0.86 4.82 -4.94
CA LEU A 105 -2.20 4.39 -5.37
C LEU A 105 -2.26 4.23 -6.89
N ARG A 106 -1.59 5.09 -7.67
CA ARG A 106 -1.51 4.93 -9.13
C ARG A 106 -0.91 3.56 -9.46
N ASP A 107 0.12 3.12 -8.73
CA ASP A 107 0.74 1.78 -8.94
C ASP A 107 -0.19 0.69 -8.44
N ASP A 108 -0.89 0.92 -7.32
CA ASP A 108 -1.88 -0.05 -6.83
C ASP A 108 -2.92 -0.29 -7.94
N ILE A 109 -3.36 0.76 -8.60
CA ILE A 109 -4.41 0.67 -9.64
C ILE A 109 -3.87 -0.02 -10.89
N VAL A 110 -2.73 0.43 -11.43
CA VAL A 110 -2.18 -0.10 -12.71
C VAL A 110 -1.90 -1.60 -12.55
N SER A 111 -1.46 -1.99 -11.37
CA SER A 111 -1.01 -3.36 -11.01
C SER A 111 -2.21 -4.29 -10.82
N GLY A 112 -3.42 -3.75 -10.67
CA GLY A 112 -4.66 -4.50 -10.37
C GLY A 112 -4.84 -4.84 -8.90
N ARG A 113 -3.93 -4.43 -8.01
CA ARG A 113 -4.10 -4.62 -6.54
C ARG A 113 -5.31 -3.85 -6.05
N LEU A 114 -5.66 -2.74 -6.69
CA LEU A 114 -6.79 -1.89 -6.24
C LEU A 114 -7.83 -1.84 -7.35
N PRO A 115 -8.81 -2.76 -7.33
CA PRO A 115 -9.80 -2.82 -8.39
C PRO A 115 -10.60 -1.52 -8.34
N CYS A 116 -11.12 -1.12 -9.50
N CYS A 116 -10.92 -1.00 -9.53
CA CYS A 116 -11.71 0.21 -9.71
CA CYS A 116 -11.71 0.23 -9.76
C CYS A 116 -12.65 0.18 -10.92
C CYS A 116 -12.76 0.00 -10.85
N SER A 117 -13.84 0.77 -10.80
CA SER A 117 -14.81 0.90 -11.92
C SER A 117 -14.18 1.78 -13.01
N PHE A 118 -14.65 1.58 -14.23
CA PHE A 118 -14.36 2.44 -15.40
C PHE A 118 -14.38 3.93 -15.02
N VAL A 119 -15.49 4.36 -14.45
CA VAL A 119 -15.71 5.79 -14.18
C VAL A 119 -14.68 6.26 -13.16
N THR A 120 -14.42 5.49 -12.10
CA THR A 120 -13.41 5.89 -11.09
C THR A 120 -12.02 5.86 -11.68
N LEU A 121 -11.67 4.87 -12.51
CA LEU A 121 -10.39 4.91 -13.25
C LEU A 121 -10.25 6.25 -14.02
N ALA A 122 -11.28 6.65 -14.76
CA ALA A 122 -11.26 7.88 -15.57
C ALA A 122 -11.17 9.11 -14.67
N LEU A 123 -11.88 9.13 -13.55
CA LEU A 123 -11.83 10.29 -12.64
C LEU A 123 -10.46 10.41 -11.99
N LEU A 124 -9.93 9.31 -11.48
CA LEU A 124 -8.57 9.32 -10.90
C LEU A 124 -7.55 9.77 -11.97
N GLY A 125 -7.60 9.19 -13.16
CA GLY A 125 -6.72 9.63 -14.24
C GLY A 125 -6.82 11.14 -14.53
N SER A 126 -8.03 11.68 -14.61
CA SER A 126 -8.28 13.11 -14.92
C SER A 126 -7.62 14.01 -13.85
N TYR A 127 -7.63 13.62 -12.58
CA TYR A 127 -6.98 14.40 -11.49
C TYR A 127 -5.45 14.31 -11.64
N THR A 128 -4.92 13.13 -11.92
CA THR A 128 -3.47 12.96 -12.18
C THR A 128 -3.04 13.90 -13.32
N VAL A 129 -3.77 13.87 -14.44
CA VAL A 129 -3.42 14.69 -15.63
C VAL A 129 -3.50 16.16 -15.23
N GLN A 130 -4.55 16.56 -14.49
CA GLN A 130 -4.69 17.98 -14.09
C GLN A 130 -3.51 18.40 -13.21
N SER A 131 -3.14 17.57 -12.23
N SER A 131 -3.12 17.54 -12.26
CA SER A 131 -2.00 17.87 -11.32
CA SER A 131 -2.03 17.81 -11.29
C SER A 131 -0.72 18.01 -12.14
C SER A 131 -0.68 17.89 -12.01
N GLU A 132 -0.45 17.05 -13.02
CA GLU A 132 0.87 16.97 -13.71
C GLU A 132 0.99 17.85 -14.96
N LEU A 133 -0.07 18.06 -15.73
CA LEU A 133 0.02 18.90 -16.97
C LEU A 133 -0.65 20.25 -16.74
N GLY A 134 -1.54 20.38 -15.75
CA GLY A 134 -2.36 21.59 -15.62
C GLY A 134 -3.57 21.53 -16.54
N ASP A 135 -4.07 22.69 -16.96
CA ASP A 135 -5.39 22.83 -17.62
C ASP A 135 -5.38 22.08 -18.93
N TYR A 136 -6.51 21.45 -19.27
CA TYR A 136 -6.72 20.81 -20.58
C TYR A 136 -6.29 21.76 -21.71
N ASP A 137 -5.51 21.23 -22.65
CA ASP A 137 -5.17 21.90 -23.92
C ASP A 137 -5.58 21.03 -25.10
N PRO A 138 -6.50 21.50 -25.96
CA PRO A 138 -6.91 20.74 -27.15
C PRO A 138 -5.82 20.55 -28.21
N ASP A 139 -4.70 21.27 -28.11
CA ASP A 139 -3.55 21.21 -29.06
C ASP A 139 -2.76 19.91 -28.83
N GLU A 140 -2.71 19.42 -27.59
CA GLU A 140 -1.97 18.18 -27.20
C GLU A 140 -2.91 16.98 -27.11
N CYS A 141 -4.03 16.99 -27.83
CA CYS A 141 -5.08 15.94 -27.75
C CYS A 141 -6.14 16.13 -28.83
N GLY A 142 -6.02 15.40 -29.94
CA GLY A 142 -7.07 15.28 -30.97
C GLY A 142 -8.02 14.16 -30.61
N SER A 143 -8.89 13.77 -31.54
CA SER A 143 -9.88 12.68 -31.35
C SER A 143 -9.14 11.35 -31.10
N ASP A 144 -7.84 11.27 -31.39
CA ASP A 144 -7.07 9.99 -31.38
C ASP A 144 -6.01 10.01 -30.26
N TYR A 145 -6.16 10.86 -29.24
CA TYR A 145 -5.14 11.02 -28.16
C TYR A 145 -5.08 9.77 -27.27
N ILE A 146 -3.86 9.27 -27.04
CA ILE A 146 -3.54 8.27 -25.98
C ILE A 146 -2.45 8.85 -25.07
N SER A 147 -2.78 9.11 -23.79
CA SER A 147 -1.84 9.64 -22.77
C SER A 147 -0.67 8.68 -22.60
N GLU A 148 0.49 9.23 -22.23
CA GLU A 148 1.67 8.48 -21.77
C GLU A 148 1.36 7.92 -20.37
N PHE A 149 0.44 8.57 -19.63
CA PHE A 149 0.10 8.18 -18.25
C PHE A 149 -0.60 6.82 -18.33
N ARG A 150 -0.19 5.97 -17.41
CA ARG A 150 -0.74 4.63 -17.15
C ARG A 150 -1.84 4.84 -16.11
N PHE A 151 -3.05 4.49 -16.47
CA PHE A 151 -4.26 4.74 -15.64
C PHE A 151 -4.91 3.49 -15.09
N ALA A 152 -4.62 2.32 -15.65
CA ALA A 152 -5.45 1.12 -15.43
C ALA A 152 -4.67 -0.13 -15.81
N PRO A 153 -5.07 -1.29 -15.31
CA PRO A 153 -4.38 -2.53 -15.67
C PRO A 153 -4.57 -2.84 -17.16
N ASN A 154 -5.67 -2.38 -17.74
CA ASN A 154 -5.95 -2.57 -19.21
C ASN A 154 -6.52 -1.25 -19.78
N HIS A 155 -5.78 -0.61 -20.67
CA HIS A 155 -6.19 0.67 -21.28
C HIS A 155 -7.08 0.42 -22.50
N THR A 156 -8.13 1.20 -22.63
CA THR A 156 -9.00 1.24 -23.82
C THR A 156 -9.09 2.67 -24.31
N LYS A 157 -9.42 2.83 -25.59
CA LYS A 157 -9.65 4.16 -26.18
C LYS A 157 -10.77 4.87 -25.41
N GLU A 158 -11.83 4.13 -25.07
CA GLU A 158 -13.00 4.68 -24.32
C GLU A 158 -12.53 5.26 -22.99
N LEU A 159 -11.57 4.60 -22.31
CA LEU A 159 -11.02 5.12 -21.02
C LEU A 159 -10.26 6.42 -21.29
N GLU A 160 -9.41 6.44 -22.31
CA GLU A 160 -8.63 7.66 -22.65
C GLU A 160 -9.57 8.81 -22.91
N ASP A 161 -10.66 8.56 -23.64
CA ASP A 161 -11.66 9.58 -24.03
C ASP A 161 -12.28 10.16 -22.74
N LYS A 162 -12.60 9.28 -21.80
CA LYS A 162 -13.33 9.68 -20.58
C LYS A 162 -12.40 10.47 -19.66
N VAL A 163 -11.12 10.07 -19.53
CA VAL A 163 -10.09 10.89 -18.83
C VAL A 163 -10.09 12.32 -19.41
N ILE A 164 -10.04 12.48 -20.73
CA ILE A 164 -10.00 13.83 -21.38
C ILE A 164 -11.29 14.58 -21.06
N GLU A 165 -12.47 13.93 -21.14
CA GLU A 165 -13.77 14.62 -20.88
C GLU A 165 -13.76 15.18 -19.45
N LEU A 166 -13.26 14.41 -18.49
CA LEU A 166 -13.25 14.86 -17.07
C LEU A 166 -12.14 15.88 -16.88
N HIS A 167 -11.02 15.70 -17.56
CA HIS A 167 -9.89 16.66 -17.44
C HIS A 167 -10.38 18.07 -17.83
N LYS A 168 -11.20 18.16 -18.86
CA LYS A 168 -11.74 19.46 -19.31
C LYS A 168 -12.50 20.14 -18.16
N SER A 169 -13.16 19.38 -17.30
CA SER A 169 -14.03 19.92 -16.24
C SER A 169 -13.16 20.53 -15.11
N HIS A 170 -11.87 20.22 -15.06
CA HIS A 170 -10.98 20.61 -13.92
C HIS A 170 -10.19 21.91 -14.18
N ARG A 171 -10.55 22.75 -15.16
CA ARG A 171 -9.79 24.00 -15.45
C ARG A 171 -9.64 24.85 -14.18
N GLY A 172 -8.42 25.34 -13.91
CA GLY A 172 -8.13 26.24 -12.79
C GLY A 172 -7.66 25.44 -11.57
N MET A 173 -7.73 24.11 -11.65
CA MET A 173 -7.43 23.28 -10.46
C MET A 173 -5.91 23.20 -10.27
N THR A 174 -5.45 23.41 -9.06
CA THR A 174 -4.01 23.42 -8.75
C THR A 174 -3.57 22.00 -8.36
N PRO A 175 -2.25 21.71 -8.40
CA PRO A 175 -1.78 20.33 -8.17
C PRO A 175 -2.18 19.73 -6.83
N ALA A 176 -2.07 20.45 -5.71
CA ALA A 176 -2.45 19.89 -4.40
C ALA A 176 -3.95 19.65 -4.38
N GLU A 177 -4.71 20.54 -5.04
CA GLU A 177 -6.19 20.46 -5.05
C GLU A 177 -6.61 19.20 -5.83
N ALA A 178 -5.96 18.92 -6.95
CA ALA A 178 -6.26 17.75 -7.82
C ALA A 178 -5.84 16.46 -7.08
N GLU A 179 -4.70 16.47 -6.40
CA GLU A 179 -4.21 15.29 -5.63
C GLU A 179 -5.17 15.03 -4.46
N MET A 180 -5.66 16.06 -3.81
CA MET A 180 -6.68 15.89 -2.75
C MET A 180 -7.93 15.22 -3.33
N HIS A 181 -8.43 15.69 -4.47
CA HIS A 181 -9.62 15.07 -5.12
C HIS A 181 -9.32 13.60 -5.47
N PHE A 182 -8.13 13.35 -5.97
CA PHE A 182 -7.72 11.96 -6.32
C PHE A 182 -7.94 11.11 -5.06
N LEU A 183 -7.39 11.58 -3.95
CA LEU A 183 -7.40 10.81 -2.68
C LEU A 183 -8.82 10.68 -2.11
N GLU A 184 -9.65 11.70 -2.21
CA GLU A 184 -11.05 11.67 -1.72
C GLU A 184 -11.84 10.56 -2.44
N ASN A 185 -11.54 10.31 -3.73
CA ASN A 185 -12.16 9.21 -4.51
C ASN A 185 -11.48 7.87 -4.15
N ALA A 186 -10.13 7.83 -4.17
CA ALA A 186 -9.38 6.55 -4.00
C ALA A 186 -9.71 5.92 -2.64
N LYS A 187 -9.83 6.75 -1.59
CA LYS A 187 -9.93 6.28 -0.18
C LYS A 187 -11.26 5.53 0.01
N LYS A 188 -12.22 5.68 -0.91
CA LYS A 188 -13.56 5.07 -0.78
C LYS A 188 -13.63 3.69 -1.45
N LEU A 189 -12.62 3.31 -2.23
CA LEU A 189 -12.61 2.02 -2.95
C LEU A 189 -12.54 0.89 -1.91
N SER A 190 -13.30 -0.15 -2.15
CA SER A 190 -13.46 -1.24 -1.14
C SER A 190 -12.12 -1.90 -0.83
N MET A 191 -11.12 -1.88 -1.73
CA MET A 191 -9.79 -2.50 -1.48
C MET A 191 -8.71 -1.45 -1.16
N TYR A 192 -9.08 -0.19 -0.90
CA TYR A 192 -8.10 0.86 -0.51
C TYR A 192 -7.31 0.43 0.71
N GLY A 193 -5.99 0.38 0.54
CA GLY A 193 -4.99 0.08 1.58
C GLY A 193 -5.16 -1.32 2.17
N VAL A 194 -5.73 -2.26 1.42
CA VAL A 194 -5.92 -3.66 1.92
C VAL A 194 -4.71 -4.47 1.45
N ASP A 195 -3.94 -5.00 2.38
CA ASP A 195 -2.84 -5.94 2.09
C ASP A 195 -3.43 -7.36 2.12
N LEU A 196 -3.44 -8.06 0.98
CA LEU A 196 -4.10 -9.40 0.83
C LEU A 196 -3.10 -10.53 1.03
N HIS A 197 -3.50 -11.53 1.81
CA HIS A 197 -2.70 -12.74 2.07
C HIS A 197 -3.55 -13.97 1.74
N HIS A 198 -3.13 -14.82 0.80
CA HIS A 198 -3.74 -16.17 0.56
C HIS A 198 -3.64 -17.04 1.83
N ALA A 199 -4.71 -17.74 2.15
CA ALA A 199 -4.80 -18.64 3.34
C ALA A 199 -5.92 -19.66 3.14
N LYS A 200 -6.02 -20.59 4.09
CA LYS A 200 -7.14 -21.56 4.19
C LYS A 200 -7.75 -21.41 5.58
N ASP A 201 -9.06 -21.63 5.70
CA ASP A 201 -9.73 -21.56 7.01
C ASP A 201 -9.47 -22.90 7.70
N SER A 202 -9.93 -23.05 8.94
CA SER A 202 -9.71 -24.25 9.80
C SER A 202 -10.40 -25.47 9.20
N GLU A 203 -11.05 -25.35 8.04
CA GLU A 203 -11.69 -26.46 7.27
C GLU A 203 -10.94 -26.75 5.96
N GLY A 204 -9.92 -25.98 5.59
CA GLY A 204 -9.18 -26.18 4.32
C GLY A 204 -9.72 -25.38 3.15
N VAL A 205 -10.75 -24.54 3.35
CA VAL A 205 -11.35 -23.72 2.25
C VAL A 205 -10.44 -22.50 2.00
N GLU A 206 -10.07 -22.27 0.74
CA GLU A 206 -9.19 -21.16 0.30
C GLU A 206 -9.92 -19.85 0.57
N ILE A 207 -9.24 -18.94 1.24
CA ILE A 207 -9.76 -17.57 1.51
C ILE A 207 -8.64 -16.58 1.21
N MET A 208 -8.98 -15.30 1.31
CA MET A 208 -7.99 -14.22 1.43
C MET A 208 -8.18 -13.54 2.78
N LEU A 209 -7.07 -13.15 3.41
CA LEU A 209 -7.09 -12.30 4.61
C LEU A 209 -6.57 -10.92 4.22
N GLY A 210 -7.33 -9.88 4.52
CA GLY A 210 -6.96 -8.51 4.13
C GLY A 210 -6.58 -7.74 5.37
N VAL A 211 -5.43 -7.09 5.35
CA VAL A 211 -4.97 -6.31 6.53
C VAL A 211 -5.12 -4.82 6.18
N CYS A 212 -5.82 -4.08 7.02
CA CYS A 212 -6.01 -2.64 6.74
C CYS A 212 -6.39 -1.89 8.02
N ALA A 213 -6.59 -0.60 7.89
CA ALA A 213 -6.87 0.33 9.00
C ALA A 213 -8.05 -0.20 9.82
N SER A 214 -9.07 -0.73 9.18
CA SER A 214 -10.36 -1.03 9.86
C SER A 214 -10.33 -2.46 10.41
N GLY A 215 -9.25 -3.20 10.21
CA GLY A 215 -9.10 -4.48 10.93
C GLY A 215 -8.63 -5.60 10.03
N LEU A 216 -8.93 -6.81 10.41
CA LEU A 216 -8.56 -7.99 9.61
C LEU A 216 -9.82 -8.42 8.87
N LEU A 217 -9.78 -8.46 7.53
CA LEU A 217 -10.96 -8.82 6.71
C LEU A 217 -10.78 -10.25 6.23
N ILE A 218 -11.85 -11.03 6.19
CA ILE A 218 -11.82 -12.39 5.62
C ILE A 218 -12.70 -12.39 4.37
N TYR A 219 -12.13 -12.74 3.23
CA TYR A 219 -12.86 -12.92 1.94
C TYR A 219 -12.93 -14.43 1.62
N ARG A 220 -14.14 -14.96 1.42
CA ARG A 220 -14.39 -16.42 1.32
C ARG A 220 -14.99 -16.76 -0.04
N ASP A 221 -16.27 -16.48 -0.28
CA ASP A 221 -17.01 -16.96 -1.47
C ASP A 221 -17.71 -15.80 -2.20
N ARG A 222 -17.55 -14.57 -1.70
CA ARG A 222 -18.16 -13.35 -2.28
C ARG A 222 -19.20 -12.79 -1.30
N LEU A 223 -20.30 -13.52 -1.10
CA LEU A 223 -21.39 -13.17 -0.16
C LEU A 223 -20.91 -13.43 1.27
N ARG A 224 -20.01 -14.39 1.44
CA ARG A 224 -19.38 -14.73 2.75
C ARG A 224 -18.08 -13.94 2.92
N ILE A 225 -18.13 -12.78 3.59
CA ILE A 225 -16.92 -12.04 4.05
C ILE A 225 -17.13 -11.57 5.50
N ASN A 226 -16.08 -11.66 6.31
CA ASN A 226 -16.09 -11.32 7.76
C ASN A 226 -15.08 -10.19 8.00
N ARG A 227 -15.19 -9.49 9.13
CA ARG A 227 -14.24 -8.40 9.51
C ARG A 227 -14.09 -8.35 11.03
N PHE A 228 -12.84 -8.27 11.49
CA PHE A 228 -12.46 -8.19 12.92
C PHE A 228 -11.79 -6.83 13.08
N ALA A 229 -12.51 -5.83 13.59
CA ALA A 229 -11.94 -4.50 13.92
C ALA A 229 -10.78 -4.70 14.88
N TRP A 230 -9.73 -3.91 14.77
CA TRP A 230 -8.51 -4.08 15.59
C TRP A 230 -8.81 -4.08 17.08
N PRO A 231 -9.67 -3.15 17.61
CA PRO A 231 -9.88 -3.10 19.06
C PRO A 231 -10.39 -4.45 19.58
N LYS A 232 -11.17 -5.22 18.80
CA LYS A 232 -11.71 -6.53 19.22
C LYS A 232 -10.61 -7.59 19.32
N VAL A 233 -9.47 -7.37 18.67
CA VAL A 233 -8.38 -8.39 18.59
C VAL A 233 -7.43 -8.17 19.78
N LEU A 234 -7.32 -9.15 20.70
CA LEU A 234 -6.47 -9.01 21.91
C LEU A 234 -5.06 -9.57 21.67
N LYS A 235 -4.94 -10.61 20.85
CA LYS A 235 -3.65 -11.30 20.65
C LYS A 235 -3.60 -11.83 19.23
N ILE A 236 -2.46 -11.59 18.60
CA ILE A 236 -2.12 -12.14 17.27
C ILE A 236 -0.91 -13.03 17.48
N SER A 237 -0.97 -14.26 16.99
CA SER A 237 0.14 -15.24 17.11
C SER A 237 0.26 -16.09 15.85
N TYR A 238 1.38 -16.79 15.71
CA TYR A 238 1.62 -17.78 14.64
C TYR A 238 2.34 -18.99 15.24
N LYS A 239 2.16 -20.16 14.62
CA LYS A 239 2.83 -21.43 15.00
C LYS A 239 2.91 -22.32 13.78
N ARG A 240 4.12 -22.73 13.39
CA ARG A 240 4.39 -23.48 12.13
C ARG A 240 3.67 -22.74 10.99
N ASN A 241 2.72 -23.39 10.29
CA ASN A 241 2.09 -22.79 9.09
C ASN A 241 0.77 -22.07 9.43
N ASN A 242 0.49 -21.89 10.72
CA ASN A 242 -0.83 -21.42 11.22
C ASN A 242 -0.73 -20.02 11.81
N PHE A 243 -1.78 -19.24 11.60
CA PHE A 243 -1.95 -17.88 12.14
C PHE A 243 -3.23 -17.88 13.00
N TYR A 244 -3.16 -17.20 14.16
CA TYR A 244 -4.26 -17.16 15.16
C TYR A 244 -4.56 -15.73 15.60
N ILE A 245 -5.85 -15.40 15.71
CA ILE A 245 -6.30 -14.15 16.36
C ILE A 245 -7.15 -14.52 17.57
N LYS A 246 -6.88 -13.88 18.71
CA LYS A 246 -7.70 -14.05 19.93
C LYS A 246 -8.61 -12.83 20.03
N ILE A 247 -9.91 -13.10 19.95
CA ILE A 247 -11.05 -12.13 20.00
C ILE A 247 -11.49 -11.94 21.46
N ARG A 248 -11.76 -10.69 21.84
CA ARG A 248 -12.38 -10.31 23.12
C ARG A 248 -13.64 -11.15 23.31
N PRO A 249 -13.97 -11.61 24.56
CA PRO A 249 -15.31 -12.14 24.84
C PRO A 249 -16.37 -11.08 24.49
N GLY A 250 -17.42 -11.49 23.75
CA GLY A 250 -18.65 -10.70 23.56
C GLY A 250 -19.34 -10.43 24.90
N GLU A 251 -20.28 -9.48 24.94
CA GLU A 251 -20.97 -9.11 26.20
C GLU A 251 -21.63 -10.38 26.76
N PHE A 252 -21.47 -10.64 28.06
CA PHE A 252 -22.13 -11.77 28.79
C PHE A 252 -21.55 -13.11 28.35
N GLU A 253 -20.49 -13.14 27.53
CA GLU A 253 -19.84 -14.41 27.10
C GLU A 253 -18.76 -14.75 28.12
N GLN A 254 -18.60 -16.03 28.46
CA GLN A 254 -17.67 -16.45 29.52
C GLN A 254 -16.23 -16.42 28.95
N PHE A 255 -16.04 -16.79 27.69
CA PHE A 255 -14.71 -17.11 27.11
C PHE A 255 -14.39 -16.23 25.90
N GLU A 256 -13.11 -15.88 25.80
CA GLU A 256 -12.48 -15.33 24.57
C GLU A 256 -12.69 -16.35 23.47
N SER A 257 -12.48 -15.99 22.20
CA SER A 257 -12.50 -16.98 21.11
C SER A 257 -11.23 -16.82 20.27
N THR A 258 -10.62 -17.93 19.86
CA THR A 258 -9.33 -17.96 19.12
C THR A 258 -9.67 -18.44 17.71
N ILE A 259 -9.33 -17.68 16.65
CA ILE A 259 -9.65 -18.14 15.25
C ILE A 259 -8.32 -18.40 14.53
N GLY A 260 -8.25 -19.55 13.87
CA GLY A 260 -7.03 -20.15 13.31
C GLY A 260 -7.11 -20.24 11.81
N PHE A 261 -5.99 -19.97 11.11
CA PHE A 261 -5.92 -20.10 9.63
C PHE A 261 -4.62 -20.80 9.23
N LYS A 262 -4.63 -21.43 8.06
CA LYS A 262 -3.47 -22.11 7.44
C LYS A 262 -2.88 -21.20 6.36
N LEU A 263 -1.59 -20.92 6.47
CA LEU A 263 -0.87 -20.09 5.47
C LEU A 263 -0.02 -21.01 4.61
N PRO A 264 0.44 -20.54 3.42
CA PRO A 264 1.26 -21.33 2.50
C PRO A 264 2.49 -22.00 3.13
N ASN A 265 3.13 -21.36 4.13
CA ASN A 265 4.34 -21.88 4.80
C ASN A 265 4.60 -21.06 6.04
N HIS A 266 5.65 -21.36 6.79
CA HIS A 266 5.92 -20.71 8.09
C HIS A 266 6.27 -19.24 7.88
N ARG A 267 6.98 -18.93 6.79
CA ARG A 267 7.42 -17.54 6.53
C ARG A 267 6.19 -16.68 6.29
N ALA A 268 5.21 -17.21 5.54
CA ALA A 268 3.96 -16.50 5.19
C ALA A 268 3.12 -16.29 6.46
N ALA A 269 3.11 -17.25 7.39
CA ALA A 269 2.40 -17.08 8.67
C ALA A 269 3.06 -15.97 9.50
N LYS A 270 4.40 -15.96 9.57
CA LYS A 270 5.15 -14.97 10.39
C LYS A 270 4.94 -13.57 9.76
N ARG A 271 5.01 -13.45 8.45
CA ARG A 271 4.82 -12.17 7.71
C ARG A 271 3.41 -11.61 7.99
N LEU A 272 2.40 -12.46 7.96
CA LEU A 272 1.01 -11.99 8.21
C LEU A 272 0.88 -11.56 9.67
N TRP A 273 1.45 -12.33 10.61
CA TRP A 273 1.49 -11.96 12.05
C TRP A 273 2.10 -10.56 12.20
N LYS A 274 3.26 -10.32 11.61
CA LYS A 274 4.00 -9.06 11.85
C LYS A 274 3.21 -7.87 11.26
N VAL A 275 2.65 -7.98 10.06
CA VAL A 275 1.88 -6.87 9.44
C VAL A 275 0.61 -6.60 10.25
N CYS A 276 -0.05 -7.63 10.80
CA CYS A 276 -1.25 -7.46 11.64
C CYS A 276 -0.89 -6.72 12.91
N VAL A 277 0.18 -7.12 13.59
CA VAL A 277 0.62 -6.48 14.87
C VAL A 277 0.94 -5.02 14.57
N GLU A 278 1.64 -4.75 13.47
CA GLU A 278 2.04 -3.37 13.12
C GLU A 278 0.79 -2.53 12.82
N HIS A 279 -0.18 -3.06 12.06
CA HIS A 279 -1.43 -2.33 11.76
C HIS A 279 -2.16 -2.08 13.09
N HIS A 280 -2.25 -3.08 13.95
CA HIS A 280 -3.01 -2.99 15.24
C HIS A 280 -2.44 -1.83 16.05
N THR A 281 -1.12 -1.76 16.18
CA THR A 281 -0.42 -0.69 16.94
C THR A 281 -0.65 0.66 16.25
N PHE A 282 -0.46 0.74 14.94
CA PHE A 282 -0.47 2.03 14.21
C PHE A 282 -1.86 2.66 14.37
N PHE A 283 -2.89 1.86 14.10
CA PHE A 283 -4.26 2.40 13.94
C PHE A 283 -4.92 2.52 15.31
N ARG A 284 -4.47 1.78 16.32
CA ARG A 284 -4.75 2.10 17.76
C ARG A 284 -4.30 3.54 18.11
N LEU A 285 -3.19 4.06 17.55
CA LEU A 285 -2.59 5.33 18.03
C LEU A 285 -2.98 6.50 17.12
N LEU A 286 -3.17 6.25 15.82
CA LEU A 286 -3.26 7.30 14.78
C LEU A 286 -4.37 8.28 15.19
N1 WHY B . 12.67 -4.19 -4.54
C4 WHY B . 16.32 -2.28 -7.04
C5 WHY B . 15.24 -2.53 -6.21
C6 WHY B . 14.52 -3.73 -6.33
C7 WHY B . 13.48 -4.03 -5.38
C8 WHY B . 14.86 -4.67 -7.33
N WHY B . 17.69 -2.70 -10.29
C WHY B . 18.87 -1.96 -10.87
C1 WHY B . 16.38 -2.03 -10.62
C2 WHY B . 17.94 -2.92 -8.82
C3 WHY B . 16.69 -3.20 -8.01
C9 WHY B . 15.96 -4.39 -8.18
S DMS C . 7.40 1.71 -9.10
O DMS C . 6.14 2.20 -8.42
C1 DMS C . 7.16 -0.04 -9.34
C2 DMS C . 7.27 2.22 -10.80
S DMS D . -12.03 -0.86 3.84
O DMS D . -12.68 0.09 2.89
C1 DMS D . -10.47 -1.26 3.11
C2 DMS D . -12.85 -2.42 3.63
C1 EDO E . 1.77 22.28 3.41
O1 EDO E . 2.03 21.31 2.42
C2 EDO E . 0.41 22.84 3.31
O2 EDO E . -0.65 21.88 3.50
C1 EDO F . 3.03 -3.13 -3.23
O1 EDO F . 3.98 -2.63 -4.16
C2 EDO F . 3.04 -2.37 -1.96
O2 EDO F . 4.14 -2.65 -1.08
C1 EDO G . -2.63 -7.39 -3.90
O1 EDO G . -2.45 -8.76 -3.73
C2 EDO G . -3.26 -6.66 -2.77
O2 EDO G . -2.71 -6.96 -1.51
C1 EDO H . 2.67 6.25 -15.44
O1 EDO H . 3.01 7.03 -16.56
C2 EDO H . 1.59 6.85 -14.64
O2 EDO H . 1.07 6.02 -13.60
C1 EDO I . 13.38 -22.42 2.76
O1 EDO I . 14.65 -22.45 2.09
C2 EDO I . 12.86 -21.05 3.03
O2 EDO I . 12.89 -20.65 4.40
C1 EDO J . -2.30 -2.50 -1.67
O1 EDO J . -1.16 -2.72 -2.45
C2 EDO J . -1.99 -2.53 -0.23
O2 EDO J . -0.88 -3.38 0.03
C1 EDO K . 11.33 0.40 6.39
O1 EDO K . 10.07 -0.27 6.37
C2 EDO K . 11.41 1.62 7.25
O2 EDO K . 10.27 1.94 8.00
#